data_6MV1
#
_entry.id   6MV1
#
_cell.length_a   56.137
_cell.length_b   68.628
_cell.length_c   57.598
_cell.angle_alpha   90.000
_cell.angle_beta   97.510
_cell.angle_gamma   90.000
#
_symmetry.space_group_name_H-M   'P 1 21 1'
#
loop_
_entity.id
_entity.type
_entity.pdbx_description
1 polymer 'Cytochrome b5 reductase 4'
2 non-polymer 'FLAVIN-ADENINE DINUCLEOTIDE'
3 non-polymer NICOTINAMIDE-ADENINE-DINUCLEOTIDE
4 water water
#
_entity_poly.entity_id   1
_entity_poly.type   'polypeptide(L)'
_entity_poly.pdbx_seq_one_letter_code
;MGHHHHHHMGPSYPSYDWFQTDSLVTIAIYTKQKDINLDSIIVDHQNDSFRAETIIKDCLYLIHIGLSHEVQEDFSVRVV
ESVGKIEIVLQKKENTSWDFLGHPLKNHNSLIPRKDTGLYYRKCQLISKEDVTHDTRLFCLMLPPSTHLQVPIGQHVYLK
LPITGTEIVKPYTPVSGSLLSEFKEPVLPNNKYIYFLIKIYPTGLFTPELDRLQIGDFVSVSSPEGNFKISKFQELEDLF
LLAAGTGFTPMVKILNYALTDIPSLRKVKLMFFNKTEDDIIWRSQLEKLAFKDKRLDVEFVLSAPISEWNGKQGHISPAL
LSEFLKRNLDKSKVLVCICGPVPFTEQGVRLLHDLNFSKNEIHSFTA
;
_entity_poly.pdbx_strand_id   A
#
# COMPACT_ATOMS: atom_id res chain seq x y z
N SER A 12 -24.83 -14.27 -10.96
CA SER A 12 -25.01 -13.85 -9.58
C SER A 12 -24.29 -12.53 -9.32
N TYR A 13 -25.00 -11.43 -9.54
CA TYR A 13 -24.36 -10.13 -9.66
C TYR A 13 -24.59 -9.28 -8.42
N PRO A 14 -23.66 -8.38 -8.10
CA PRO A 14 -23.83 -7.54 -6.91
C PRO A 14 -24.93 -6.49 -7.09
N SER A 15 -25.43 -5.98 -5.96
CA SER A 15 -26.51 -5.01 -6.01
C SER A 15 -26.42 -4.07 -4.81
N TYR A 16 -27.35 -3.12 -4.71
CA TYR A 16 -27.37 -2.22 -3.58
C TYR A 16 -28.80 -1.81 -3.26
N ASP A 17 -28.98 -1.27 -2.05
CA ASP A 17 -30.23 -0.66 -1.58
C ASP A 17 -29.85 0.50 -0.65
N TRP A 18 -30.87 1.13 -0.03
CA TRP A 18 -30.62 2.22 0.93
C TRP A 18 -31.85 2.36 1.82
N PHE A 19 -31.63 2.95 3.01
CA PHE A 19 -32.73 3.33 3.90
C PHE A 19 -32.29 4.53 4.72
N GLN A 20 -33.26 5.16 5.36
CA GLN A 20 -33.02 6.34 6.15
C GLN A 20 -33.71 6.25 7.50
N THR A 21 -33.16 6.99 8.44
CA THR A 21 -33.77 7.30 9.73
C THR A 21 -33.90 8.82 9.82
N ASP A 22 -34.31 9.30 10.99
CA ASP A 22 -34.53 10.74 11.14
C ASP A 22 -33.27 11.51 10.74
N SER A 23 -32.09 10.97 11.05
CA SER A 23 -30.83 11.68 10.89
C SER A 23 -29.78 10.96 10.04
N LEU A 24 -30.02 9.73 9.63
CA LEU A 24 -29.01 8.93 8.96
C LEU A 24 -29.51 8.43 7.60
N VAL A 25 -28.55 8.25 6.69
CA VAL A 25 -28.80 7.57 5.42
C VAL A 25 -27.79 6.43 5.30
N THR A 26 -28.30 5.22 5.16
CA THR A 26 -27.47 4.03 5.01
C THR A 26 -27.57 3.53 3.58
N ILE A 27 -26.43 3.32 2.96
CA ILE A 27 -26.35 2.65 1.67
C ILE A 27 -25.83 1.24 1.94
N ALA A 28 -26.53 0.25 1.42
CA ALA A 28 -26.18 -1.14 1.60
C ALA A 28 -25.71 -1.69 0.27
N ILE A 29 -24.52 -2.28 0.25
CA ILE A 29 -23.96 -2.91 -0.93
C ILE A 29 -23.90 -4.41 -0.70
N TYR A 30 -24.53 -5.17 -1.59
CA TYR A 30 -24.64 -6.62 -1.52
C TYR A 30 -23.68 -7.18 -2.55
N THR A 31 -22.48 -7.59 -2.11
CA THR A 31 -21.47 -8.05 -3.05
C THR A 31 -21.72 -9.47 -3.50
N LYS A 32 -22.37 -10.28 -2.67
CA LYS A 32 -22.58 -11.69 -2.94
C LYS A 32 -21.29 -12.48 -2.82
N GLN A 33 -20.28 -11.92 -2.16
CA GLN A 33 -18.96 -12.53 -2.08
C GLN A 33 -18.60 -12.84 -0.64
N LYS A 34 -18.03 -14.03 -0.44
CA LYS A 34 -17.15 -14.29 0.68
C LYS A 34 -15.86 -13.48 0.51
N ASP A 35 -15.13 -13.35 1.60
CA ASP A 35 -13.79 -12.75 1.59
C ASP A 35 -13.78 -11.23 1.62
N ILE A 36 -14.91 -10.58 1.79
CA ILE A 36 -14.98 -9.13 1.67
C ILE A 36 -14.61 -8.51 3.00
N ASN A 37 -13.79 -7.47 2.95
CA ASN A 37 -13.42 -6.76 4.16
C ASN A 37 -13.25 -5.30 3.76
N LEU A 38 -12.70 -4.51 4.69
CA LEU A 38 -12.60 -3.07 4.52
C LEU A 38 -11.53 -2.66 3.55
N ASP A 39 -10.69 -3.58 3.08
CA ASP A 39 -9.82 -3.28 1.95
C ASP A 39 -10.53 -3.41 0.63
N SER A 40 -11.76 -3.91 0.62
CA SER A 40 -12.47 -4.22 -0.61
C SER A 40 -13.24 -3.02 -1.13
N ILE A 41 -13.42 -1.98 -0.33
CA ILE A 41 -14.25 -0.85 -0.71
C ILE A 41 -13.49 0.45 -0.48
N ILE A 42 -13.59 1.37 -1.45
CA ILE A 42 -13.12 2.74 -1.31
C ILE A 42 -14.32 3.65 -1.45
N VAL A 43 -14.52 4.51 -0.47
CA VAL A 43 -15.63 5.46 -0.46
C VAL A 43 -15.05 6.87 -0.43
N ASP A 44 -15.55 7.73 -1.31
CA ASP A 44 -15.30 9.15 -1.30
C ASP A 44 -16.66 9.84 -1.32
N HIS A 45 -16.77 10.99 -0.65
CA HIS A 45 -18.01 11.73 -0.79
C HIS A 45 -17.80 13.21 -0.49
N GLN A 46 -18.65 14.04 -1.07
CA GLN A 46 -18.75 15.46 -0.80
C GLN A 46 -20.04 15.74 -0.05
N ASN A 47 -20.40 17.02 0.04
CA ASN A 47 -21.63 17.34 0.77
C ASN A 47 -22.86 16.85 0.04
N ASP A 48 -22.78 16.69 -1.30
CA ASP A 48 -23.94 16.42 -2.14
C ASP A 48 -23.70 15.29 -3.15
N SER A 49 -22.70 14.43 -2.92
CA SER A 49 -22.40 13.37 -3.87
C SER A 49 -21.59 12.28 -3.17
N PHE A 50 -21.57 11.12 -3.78
CA PHE A 50 -21.15 9.91 -3.10
C PHE A 50 -20.61 8.94 -4.13
N ARG A 51 -19.49 8.30 -3.82
CA ARG A 51 -18.85 7.37 -4.73
C ARG A 51 -18.27 6.24 -3.91
N ALA A 52 -18.63 5.01 -4.26
CA ALA A 52 -18.08 3.82 -3.61
C ALA A 52 -17.68 2.82 -4.66
N GLU A 53 -16.42 2.40 -4.66
CA GLU A 53 -15.96 1.35 -5.56
C GLU A 53 -15.59 0.13 -4.73
N THR A 54 -16.07 -1.04 -5.17
CA THR A 54 -15.90 -2.27 -4.42
C THR A 54 -15.22 -3.29 -5.31
N ILE A 55 -14.22 -3.97 -4.76
CA ILE A 55 -13.46 -4.96 -5.51
C ILE A 55 -14.22 -6.26 -5.46
N ILE A 56 -14.60 -6.77 -6.63
CA ILE A 56 -15.40 -8.00 -6.75
C ILE A 56 -14.63 -8.94 -7.67
N LYS A 57 -13.84 -9.85 -7.10
CA LYS A 57 -12.98 -10.76 -7.86
C LYS A 57 -12.08 -9.91 -8.75
N ASP A 58 -12.15 -10.02 -10.07
CA ASP A 58 -11.36 -9.18 -10.96
C ASP A 58 -12.16 -8.00 -11.49
N CYS A 59 -13.38 -7.81 -11.02
CA CYS A 59 -14.26 -6.75 -11.49
C CYS A 59 -14.37 -5.64 -10.43
N LEU A 60 -14.88 -4.50 -10.87
CA LEU A 60 -15.06 -3.33 -10.02
C LEU A 60 -16.52 -2.90 -10.07
N TYR A 61 -17.16 -2.82 -8.90
CA TYR A 61 -18.55 -2.41 -8.79
C TYR A 61 -18.61 -0.98 -8.28
N LEU A 62 -19.19 -0.08 -9.06
CA LEU A 62 -19.24 1.34 -8.71
C LEU A 62 -20.66 1.78 -8.40
N ILE A 63 -20.84 2.36 -7.20
CA ILE A 63 -21.97 3.23 -6.88
C ILE A 63 -21.51 4.67 -6.99
N HIS A 64 -22.27 5.50 -7.70
CA HIS A 64 -21.90 6.89 -7.88
C HIS A 64 -23.17 7.75 -7.92
N ILE A 65 -23.48 8.40 -6.80
CA ILE A 65 -24.76 9.07 -6.62
C ILE A 65 -24.56 10.48 -6.11
N GLY A 66 -25.29 11.42 -6.70
CA GLY A 66 -25.48 12.72 -6.09
C GLY A 66 -26.62 12.74 -5.09
N LEU A 67 -26.33 13.04 -3.83
CA LEU A 67 -27.30 12.89 -2.75
C LEU A 67 -28.36 13.99 -2.76
N SER A 68 -29.57 13.63 -2.31
CA SER A 68 -30.72 14.52 -2.40
C SER A 68 -30.61 15.71 -1.47
N HIS A 69 -30.06 15.49 -0.28
CA HIS A 69 -29.80 16.55 0.67
C HIS A 69 -28.34 16.43 1.08
N GLU A 70 -27.89 17.38 1.87
CA GLU A 70 -26.48 17.41 2.25
C GLU A 70 -26.24 16.51 3.45
N VAL A 71 -25.02 16.01 3.52
CA VAL A 71 -24.55 15.18 4.62
C VAL A 71 -23.31 15.82 5.21
N GLN A 72 -22.98 15.38 6.41
CA GLN A 72 -21.79 15.77 7.12
C GLN A 72 -20.59 14.97 6.63
N GLU A 73 -19.40 15.43 7.02
CA GLU A 73 -18.17 14.82 6.51
C GLU A 73 -17.96 13.42 7.08
N ASP A 74 -18.11 13.26 8.40
CA ASP A 74 -17.85 11.98 9.04
C ASP A 74 -18.92 10.94 8.68
N PHE A 75 -18.45 9.73 8.42
CA PHE A 75 -19.36 8.65 8.05
C PHE A 75 -18.72 7.37 8.54
N SER A 76 -19.45 6.26 8.39
CA SER A 76 -18.99 4.97 8.88
C SER A 76 -19.10 3.94 7.78
N VAL A 77 -18.25 2.92 7.86
CA VAL A 77 -18.29 1.78 6.95
C VAL A 77 -18.21 0.52 7.77
N ARG A 78 -19.05 -0.45 7.43
CA ARG A 78 -19.16 -1.68 8.19
C ARG A 78 -19.38 -2.83 7.23
N VAL A 79 -18.69 -3.94 7.47
CA VAL A 79 -18.75 -5.10 6.59
C VAL A 79 -19.34 -6.27 7.37
N VAL A 80 -20.35 -6.93 6.80
CA VAL A 80 -20.86 -8.19 7.31
C VAL A 80 -20.23 -9.28 6.44
N GLU A 81 -19.15 -9.90 6.95
CA GLU A 81 -18.29 -10.75 6.13
C GLU A 81 -18.98 -12.06 5.73
N SER A 82 -19.87 -12.56 6.59
CA SER A 82 -20.64 -13.76 6.28
C SER A 82 -21.27 -13.67 4.90
N VAL A 83 -21.98 -12.57 4.62
CA VAL A 83 -22.69 -12.42 3.36
C VAL A 83 -22.05 -11.40 2.42
N GLY A 84 -20.92 -10.82 2.81
CA GLY A 84 -20.32 -9.83 1.93
C GLY A 84 -21.19 -8.62 1.75
N LYS A 85 -21.85 -8.17 2.82
CA LYS A 85 -22.64 -6.95 2.79
C LYS A 85 -21.82 -5.81 3.36
N ILE A 86 -21.82 -4.67 2.67
CA ILE A 86 -21.19 -3.46 3.16
C ILE A 86 -22.27 -2.42 3.41
N GLU A 87 -22.25 -1.81 4.59
CA GLU A 87 -23.14 -0.71 4.91
C GLU A 87 -22.35 0.58 5.10
N ILE A 88 -22.77 1.64 4.40
CA ILE A 88 -22.16 2.96 4.57
C ILE A 88 -23.21 3.90 5.15
N VAL A 89 -22.93 4.44 6.34
CA VAL A 89 -23.86 5.31 7.05
C VAL A 89 -23.38 6.75 6.94
N LEU A 90 -24.15 7.57 6.25
CA LEU A 90 -23.96 9.00 6.18
C LEU A 90 -24.82 9.72 7.22
N GLN A 91 -24.39 10.91 7.60
CA GLN A 91 -25.07 11.70 8.62
C GLN A 91 -25.74 12.88 7.95
N LYS A 92 -27.04 12.99 8.16
CA LYS A 92 -27.83 14.08 7.58
C LYS A 92 -27.40 15.40 8.19
N LYS A 93 -27.27 16.41 7.36
CA LYS A 93 -27.02 17.74 7.90
C LYS A 93 -28.25 18.20 8.70
N GLU A 94 -29.41 18.20 8.04
CA GLU A 94 -30.67 18.53 8.68
C GLU A 94 -31.51 17.27 8.84
N ASN A 95 -32.12 17.08 10.01
CA ASN A 95 -32.91 15.89 10.28
C ASN A 95 -34.28 16.04 9.63
N THR A 96 -34.43 15.39 8.48
CA THR A 96 -35.49 15.66 7.53
C THR A 96 -35.56 14.49 6.56
N SER A 97 -36.74 14.24 6.01
CA SER A 97 -36.97 13.03 5.23
C SER A 97 -36.68 13.26 3.76
N TRP A 98 -35.98 12.30 3.16
CA TRP A 98 -35.59 12.38 1.75
C TRP A 98 -36.63 11.70 0.89
N ASP A 99 -36.87 12.26 -0.29
CA ASP A 99 -37.84 11.71 -1.22
C ASP A 99 -37.26 10.55 -2.02
N PHE A 100 -35.98 10.62 -2.30
CA PHE A 100 -35.27 9.55 -2.99
C PHE A 100 -33.80 9.70 -2.62
N LEU A 101 -32.98 8.72 -3.03
CA LEU A 101 -31.57 8.75 -2.63
C LEU A 101 -30.85 9.87 -3.35
N GLY A 102 -30.99 9.91 -4.66
CA GLY A 102 -30.37 10.95 -5.47
C GLY A 102 -30.33 10.52 -6.91
N HIS A 103 -29.74 11.39 -7.72
CA HIS A 103 -29.58 11.14 -9.15
C HIS A 103 -28.32 10.34 -9.40
N PRO A 104 -28.39 9.18 -10.04
CA PRO A 104 -27.18 8.47 -10.40
C PRO A 104 -26.26 9.34 -11.24
N LEU A 105 -24.96 9.13 -11.11
CA LEU A 105 -23.92 9.86 -11.81
C LEU A 105 -23.13 8.90 -12.68
N LYS A 106 -22.12 9.44 -13.35
CA LYS A 106 -21.31 8.68 -14.30
C LYS A 106 -20.97 7.30 -13.77
N ASN A 107 -21.34 6.28 -14.55
CA ASN A 107 -21.00 4.89 -14.30
C ASN A 107 -21.68 4.32 -13.05
N HIS A 108 -22.79 4.91 -12.62
CA HIS A 108 -23.46 4.37 -11.45
C HIS A 108 -23.91 2.93 -11.67
N ASN A 109 -23.80 2.13 -10.61
CA ASN A 109 -24.22 0.74 -10.60
C ASN A 109 -23.67 -0.02 -11.80
N SER A 110 -22.38 0.18 -12.09
CA SER A 110 -21.69 -0.51 -13.16
C SER A 110 -20.75 -1.57 -12.58
N LEU A 111 -20.58 -2.65 -13.32
CA LEU A 111 -19.65 -3.70 -12.95
C LEU A 111 -18.69 -3.90 -14.12
N ILE A 112 -17.41 -3.59 -13.91
CA ILE A 112 -16.43 -3.55 -14.99
C ILE A 112 -15.14 -4.23 -14.56
N PRO A 113 -14.50 -5.03 -15.42
CA PRO A 113 -13.17 -5.56 -15.09
C PRO A 113 -12.21 -4.48 -14.64
N ARG A 114 -11.44 -4.77 -13.59
CA ARG A 114 -10.49 -3.79 -13.08
C ARG A 114 -9.47 -3.40 -14.15
N LYS A 115 -9.12 -4.32 -15.05
CA LYS A 115 -8.19 -4.02 -16.14
C LYS A 115 -8.66 -2.85 -16.99
N ASP A 116 -9.97 -2.62 -17.03
CA ASP A 116 -10.54 -1.58 -17.88
C ASP A 116 -10.95 -0.33 -17.10
N THR A 117 -10.57 -0.24 -15.84
CA THR A 117 -10.93 0.92 -15.02
C THR A 117 -9.82 1.96 -15.03
N GLY A 118 -10.20 3.20 -14.73
CA GLY A 118 -9.28 4.30 -14.62
C GLY A 118 -9.02 4.69 -13.18
N LEU A 119 -8.05 5.58 -13.00
CA LEU A 119 -7.62 6.03 -11.69
C LEU A 119 -8.57 7.09 -11.13
N TYR A 120 -9.07 6.88 -9.92
CA TYR A 120 -9.82 7.90 -9.20
C TYR A 120 -8.95 8.52 -8.11
N TYR A 121 -8.99 9.85 -7.99
CA TYR A 121 -8.18 10.61 -7.07
C TYR A 121 -9.03 11.35 -6.05
N ARG A 122 -8.46 11.58 -4.88
CA ARG A 122 -8.96 12.57 -3.94
C ARG A 122 -7.77 13.29 -3.32
N LYS A 123 -8.03 14.48 -2.79
CA LYS A 123 -6.99 15.31 -2.21
C LYS A 123 -6.70 14.94 -0.77
N CYS A 124 -5.43 14.71 -0.46
CA CYS A 124 -4.98 14.45 0.90
C CYS A 124 -4.01 15.55 1.35
N GLN A 125 -3.88 15.72 2.65
CA GLN A 125 -3.12 16.83 3.22
C GLN A 125 -1.77 16.33 3.71
N LEU A 126 -0.73 17.12 3.45
CA LEU A 126 0.60 16.82 3.98
C LEU A 126 0.65 17.24 5.43
N ILE A 127 0.90 16.28 6.31
CA ILE A 127 0.91 16.48 7.75
C ILE A 127 2.31 16.66 8.29
N SER A 128 3.24 15.87 7.77
CA SER A 128 4.58 15.86 8.33
C SER A 128 5.54 15.33 7.28
N LYS A 129 6.81 15.67 7.48
CA LYS A 129 7.91 15.30 6.61
C LYS A 129 9.14 15.21 7.49
N GLU A 130 9.84 14.10 7.40
CA GLU A 130 11.02 13.86 8.22
C GLU A 130 12.10 13.29 7.32
N ASP A 131 13.35 13.70 7.58
CA ASP A 131 14.49 13.17 6.83
C ASP A 131 14.84 11.77 7.33
N VAL A 132 15.00 10.85 6.39
CA VAL A 132 15.43 9.50 6.71
C VAL A 132 16.88 9.28 6.30
N THR A 133 17.28 9.74 5.12
CA THR A 133 18.67 9.82 4.70
C THR A 133 18.90 11.21 4.14
N HIS A 134 20.06 11.45 3.55
CA HIS A 134 20.35 12.77 2.98
C HIS A 134 19.39 13.11 1.85
N ASP A 135 18.85 12.13 1.13
CA ASP A 135 17.93 12.41 0.02
C ASP A 135 16.57 11.71 0.12
N THR A 136 16.24 11.09 1.25
CA THR A 136 14.98 10.35 1.40
C THR A 136 14.19 10.88 2.60
N ARG A 137 12.91 11.17 2.40
CA ARG A 137 12.03 11.63 3.46
C ARG A 137 10.94 10.61 3.74
N LEU A 138 10.48 10.60 4.98
CA LEU A 138 9.20 9.98 5.32
C LEU A 138 8.12 11.06 5.22
N PHE A 139 7.21 10.91 4.27
CA PHE A 139 6.04 11.78 4.13
C PHE A 139 4.82 11.15 4.79
N CYS A 140 4.02 11.98 5.46
CA CYS A 140 2.79 11.51 6.09
C CYS A 140 1.66 12.35 5.55
N LEU A 141 0.70 11.68 4.89
CA LEU A 141 -0.47 12.32 4.32
C LEU A 141 -1.72 11.85 5.06
N MET A 142 -2.71 12.73 5.18
CA MET A 142 -3.95 12.41 5.86
C MET A 142 -5.11 12.41 4.87
N LEU A 143 -5.83 11.30 4.83
CA LEU A 143 -7.05 11.21 4.03
C LEU A 143 -8.09 12.19 4.56
N PRO A 144 -8.93 12.74 3.69
CA PRO A 144 -10.00 13.60 4.18
C PRO A 144 -10.99 12.82 5.02
N PRO A 145 -11.65 13.49 5.98
CA PRO A 145 -12.64 12.76 6.81
C PRO A 145 -13.72 12.11 5.99
N SER A 146 -13.96 12.62 4.78
CA SER A 146 -15.00 12.10 3.93
C SER A 146 -14.52 10.98 3.01
N THR A 147 -13.39 10.34 3.33
CA THR A 147 -12.87 9.25 2.51
C THR A 147 -12.58 8.04 3.38
N HIS A 148 -12.92 6.87 2.83
CA HIS A 148 -12.47 5.59 3.36
C HIS A 148 -11.56 4.94 2.31
N LEU A 149 -10.30 4.71 2.67
CA LEU A 149 -9.36 4.12 1.73
C LEU A 149 -8.28 3.39 2.51
N GLN A 150 -8.15 2.10 2.28
CA GLN A 150 -7.05 1.29 2.80
C GLN A 150 -6.20 0.81 1.63
N VAL A 151 -4.89 0.84 1.79
CA VAL A 151 -3.97 0.39 0.74
C VAL A 151 -3.48 -1.00 1.13
N PRO A 152 -3.79 -2.03 0.38
CA PRO A 152 -3.36 -3.36 0.76
C PRO A 152 -1.84 -3.51 0.68
N ILE A 153 -1.34 -4.51 1.40
CA ILE A 153 0.08 -4.79 1.38
C ILE A 153 0.53 -5.05 -0.05
N GLY A 154 1.71 -4.56 -0.39
CA GLY A 154 2.28 -4.81 -1.70
C GLY A 154 1.77 -3.94 -2.82
N GLN A 155 0.83 -3.04 -2.57
CA GLN A 155 0.26 -2.21 -3.61
C GLN A 155 0.72 -0.78 -3.44
N HIS A 156 0.56 0.00 -4.49
CA HIS A 156 1.01 1.38 -4.55
C HIS A 156 -0.18 2.26 -4.91
N VAL A 157 0.01 3.57 -4.77
CA VAL A 157 -0.94 4.54 -5.25
C VAL A 157 -0.15 5.55 -6.08
N TYR A 158 -0.87 6.30 -6.92
CA TYR A 158 -0.30 7.43 -7.63
C TYR A 158 -0.54 8.72 -6.87
N LEU A 159 0.51 9.52 -6.76
CA LEU A 159 0.42 10.89 -6.29
C LEU A 159 0.42 11.82 -7.49
N LYS A 160 -0.30 12.93 -7.35
CA LYS A 160 -0.54 13.84 -8.45
C LYS A 160 -0.39 15.27 -7.95
N LEU A 161 0.40 16.06 -8.67
CA LEU A 161 0.69 17.44 -8.29
C LEU A 161 0.53 18.39 -9.48
N PRO A 162 0.05 19.60 -9.23
CA PRO A 162 -0.05 20.60 -10.31
C PRO A 162 1.28 21.29 -10.57
N ILE A 163 1.56 21.49 -11.85
CA ILE A 163 2.60 22.42 -12.27
C ILE A 163 2.08 23.23 -13.46
N THR A 164 2.82 24.27 -13.80
CA THR A 164 2.43 25.21 -14.83
C THR A 164 1.95 24.49 -16.09
N GLY A 165 0.64 24.48 -16.29
CA GLY A 165 0.04 24.02 -17.54
C GLY A 165 -0.54 22.62 -17.51
N THR A 166 -0.33 21.86 -16.44
CA THR A 166 -0.69 20.45 -16.47
C THR A 166 -0.58 19.91 -15.05
N GLU A 167 -0.85 18.63 -14.91
CA GLU A 167 -0.58 17.91 -13.68
C GLU A 167 0.37 16.77 -14.01
N ILE A 168 1.20 16.42 -13.03
CA ILE A 168 2.15 15.34 -13.20
C ILE A 168 1.93 14.28 -12.12
N VAL A 169 2.20 13.03 -12.50
CA VAL A 169 1.83 11.85 -11.72
C VAL A 169 3.00 10.90 -11.64
N LYS A 170 3.23 10.32 -10.47
CA LYS A 170 4.17 9.20 -10.29
C LYS A 170 3.62 8.25 -9.22
N PRO A 171 3.94 6.96 -9.31
CA PRO A 171 3.54 6.00 -8.26
C PRO A 171 4.55 5.88 -7.12
N TYR A 172 3.99 5.63 -5.93
CA TYR A 172 4.77 5.40 -4.70
C TYR A 172 4.06 4.33 -3.86
N THR A 173 4.85 3.59 -3.08
CA THR A 173 4.37 2.45 -2.33
C THR A 173 4.21 2.81 -0.86
N PRO A 174 2.99 2.92 -0.34
CA PRO A 174 2.83 3.24 1.08
C PRO A 174 3.55 2.25 1.98
N VAL A 175 4.08 2.77 3.06
CA VAL A 175 4.83 2.01 4.04
C VAL A 175 4.14 2.20 5.39
N SER A 176 4.56 1.41 6.37
CA SER A 176 4.20 1.64 7.75
C SER A 176 4.93 2.87 8.28
N GLY A 177 4.35 3.49 9.32
CA GLY A 177 5.04 4.62 9.94
C GLY A 177 6.39 4.25 10.54
N SER A 178 6.50 3.03 11.05
CA SER A 178 7.73 2.56 11.67
C SER A 178 7.80 1.06 11.48
N LEU A 179 9.00 0.52 11.69
CA LEU A 179 9.19 -0.92 11.84
C LEU A 179 9.11 -1.37 13.29
N LEU A 180 9.20 -0.44 14.23
CA LEU A 180 9.32 -0.74 15.66
C LEU A 180 8.00 -0.53 16.38
N SER A 181 7.67 -1.50 17.25
CA SER A 181 6.37 -1.54 17.89
C SER A 181 6.10 -0.30 18.73
N GLU A 182 7.15 0.32 19.28
CA GLU A 182 6.95 1.49 20.10
C GLU A 182 6.46 2.67 19.30
N PHE A 183 6.62 2.64 17.99
CA PHE A 183 6.25 3.76 17.14
C PHE A 183 5.19 3.40 16.12
N LYS A 184 4.96 2.11 15.87
CA LYS A 184 3.97 1.67 14.90
C LYS A 184 2.58 2.12 15.32
N GLU A 185 1.77 2.49 14.35
CA GLU A 185 0.35 2.70 14.56
C GLU A 185 -0.30 1.39 15.04
N PRO A 186 -1.30 1.46 15.91
CA PRO A 186 -2.03 0.24 16.26
C PRO A 186 -2.92 -0.20 15.09
N VAL A 187 -3.44 -1.42 15.19
CA VAL A 187 -4.42 -1.87 14.21
C VAL A 187 -5.71 -1.10 14.42
N LEU A 188 -6.15 -0.39 13.39
CA LEU A 188 -7.24 0.57 13.48
C LEU A 188 -8.40 0.17 12.57
N PRO A 189 -9.63 0.53 12.94
CA PRO A 189 -10.76 0.28 12.03
C PRO A 189 -10.71 1.12 10.77
N ASN A 190 -9.84 2.12 10.70
CA ASN A 190 -9.78 3.06 9.59
C ASN A 190 -8.56 3.97 9.73
N ASN A 191 -7.42 3.57 9.17
CA ASN A 191 -6.27 4.47 9.10
C ASN A 191 -6.61 5.66 8.23
N LYS A 192 -6.58 6.87 8.79
CA LYS A 192 -6.63 8.06 7.94
C LYS A 192 -5.25 8.56 7.52
N TYR A 193 -4.17 7.96 8.01
CA TYR A 193 -2.82 8.43 7.72
C TYR A 193 -2.10 7.44 6.81
N ILE A 194 -1.47 7.96 5.75
CA ILE A 194 -0.70 7.17 4.80
C ILE A 194 0.73 7.66 4.82
N TYR A 195 1.68 6.73 4.88
CA TYR A 195 3.09 7.01 4.98
C TYR A 195 3.80 6.62 3.70
N PHE A 196 4.78 7.43 3.31
CA PHE A 196 5.62 7.14 2.16
C PHE A 196 7.07 7.40 2.49
N LEU A 197 7.96 6.53 2.00
CA LEU A 197 9.39 6.78 1.93
C LEU A 197 9.72 7.13 0.48
N ILE A 198 10.14 8.37 0.23
CA ILE A 198 10.37 8.86 -1.13
C ILE A 198 11.75 9.51 -1.25
N LYS A 199 12.50 9.08 -2.25
CA LYS A 199 13.82 9.63 -2.53
C LYS A 199 13.67 10.81 -3.47
N ILE A 200 14.34 11.91 -3.14
CA ILE A 200 14.28 13.13 -3.90
C ILE A 200 15.46 13.19 -4.86
N TYR A 201 15.15 13.27 -6.17
CA TYR A 201 16.15 13.37 -7.21
C TYR A 201 16.26 14.81 -7.67
N PRO A 202 17.35 15.52 -7.39
CA PRO A 202 17.46 16.94 -7.79
C PRO A 202 17.15 17.21 -9.24
N THR A 203 17.49 16.27 -10.13
CA THR A 203 17.26 16.40 -11.56
C THR A 203 15.93 15.80 -11.99
N GLY A 204 15.11 15.34 -11.05
CA GLY A 204 13.85 14.74 -11.40
C GLY A 204 12.76 15.74 -11.65
N LEU A 205 11.66 15.25 -12.21
CA LEU A 205 10.50 16.09 -12.45
C LEU A 205 9.56 16.13 -11.23
N PHE A 206 9.14 14.98 -10.75
CA PHE A 206 8.12 14.99 -9.72
C PHE A 206 8.67 15.30 -8.33
N THR A 207 9.77 14.68 -7.95
CA THR A 207 10.15 14.70 -6.56
C THR A 207 10.67 16.05 -6.07
N PRO A 208 11.35 16.85 -6.88
CA PRO A 208 11.65 18.21 -6.40
C PRO A 208 10.39 19.01 -6.13
N GLU A 209 9.31 18.78 -6.88
CA GLU A 209 8.06 19.49 -6.62
C GLU A 209 7.40 18.98 -5.35
N LEU A 210 7.41 17.67 -5.15
CA LEU A 210 6.89 17.12 -3.91
C LEU A 210 7.67 17.65 -2.72
N ASP A 211 8.99 17.79 -2.87
CA ASP A 211 9.87 18.27 -1.80
C ASP A 211 9.65 19.74 -1.46
N ARG A 212 9.06 20.53 -2.38
CA ARG A 212 8.75 21.94 -2.16
C ARG A 212 7.40 22.17 -1.51
N LEU A 213 6.57 21.15 -1.42
CA LEU A 213 5.24 21.30 -0.85
C LEU A 213 5.32 21.60 0.64
N GLN A 214 4.48 22.53 1.10
CA GLN A 214 4.52 22.93 2.50
C GLN A 214 3.60 22.07 3.35
N ILE A 215 3.95 21.92 4.61
CA ILE A 215 3.07 21.26 5.56
C ILE A 215 1.71 21.93 5.50
N GLY A 216 0.68 21.15 5.22
CA GLY A 216 -0.68 21.64 5.14
C GLY A 216 -1.20 21.81 3.73
N ASP A 217 -0.33 21.81 2.73
CA ASP A 217 -0.83 21.76 1.38
C ASP A 217 -1.35 20.36 1.05
N PHE A 218 -1.78 20.18 -0.19
CA PHE A 218 -2.57 19.01 -0.55
C PHE A 218 -1.95 18.33 -1.75
N VAL A 219 -2.08 17.01 -1.78
CA VAL A 219 -1.59 16.15 -2.84
C VAL A 219 -2.73 15.21 -3.22
N SER A 220 -2.98 15.03 -4.51
CA SER A 220 -4.00 14.09 -4.92
C SER A 220 -3.44 12.68 -4.91
N VAL A 221 -4.24 11.75 -4.39
CA VAL A 221 -3.83 10.36 -4.22
C VAL A 221 -4.85 9.46 -4.93
N SER A 222 -4.37 8.52 -5.75
CA SER A 222 -5.27 7.65 -6.47
C SER A 222 -5.67 6.46 -5.59
N SER A 223 -6.57 5.66 -6.11
CA SER A 223 -6.88 4.41 -5.46
C SER A 223 -5.78 3.40 -5.75
N PRO A 224 -5.66 2.34 -4.96
CA PRO A 224 -4.49 1.47 -5.07
C PRO A 224 -4.42 0.72 -6.39
N GLU A 225 -3.23 0.19 -6.64
CA GLU A 225 -2.91 -0.57 -7.85
C GLU A 225 -1.88 -1.62 -7.46
N GLY A 226 -1.89 -2.74 -8.18
CA GLY A 226 -0.89 -3.78 -7.98
C GLY A 226 -1.50 -5.13 -7.67
N ASN A 227 -0.83 -6.20 -8.07
CA ASN A 227 -1.44 -7.52 -8.06
C ASN A 227 -0.90 -8.43 -6.98
N PHE A 228 -0.09 -7.91 -6.07
CA PHE A 228 0.40 -8.77 -5.00
C PHE A 228 -0.79 -9.35 -4.26
N LYS A 229 -0.94 -10.66 -4.35
CA LYS A 229 -1.95 -11.38 -3.58
C LYS A 229 -1.31 -11.76 -2.25
N ILE A 230 -1.89 -11.28 -1.16
CA ILE A 230 -1.39 -11.56 0.17
C ILE A 230 -1.56 -13.02 0.57
N SER A 231 -2.34 -13.79 -0.20
CA SER A 231 -2.46 -15.21 0.01
C SER A 231 -1.14 -15.96 -0.24
N LYS A 232 -0.19 -15.35 -0.96
CA LYS A 232 1.13 -15.95 -1.10
C LYS A 232 1.81 -16.16 0.24
N PHE A 233 1.19 -15.68 1.34
CA PHE A 233 1.73 -15.77 2.67
C PHE A 233 1.05 -16.83 3.51
N GLN A 234 0.02 -17.49 2.99
CA GLN A 234 -0.60 -18.62 3.69
C GLN A 234 0.40 -19.72 3.96
N GLU A 235 0.65 -20.00 5.24
CA GLU A 235 1.45 -21.13 5.69
C GLU A 235 2.94 -20.96 5.36
N LEU A 236 3.34 -19.80 4.83
CA LEU A 236 4.73 -19.52 4.57
C LEU A 236 5.58 -19.83 5.78
N GLU A 237 6.78 -20.35 5.54
CA GLU A 237 7.74 -20.63 6.61
C GLU A 237 9.07 -19.86 6.49
N ASP A 238 9.50 -19.53 5.28
CA ASP A 238 10.79 -18.88 5.05
C ASP A 238 10.55 -17.79 4.03
N LEU A 239 10.82 -16.55 4.43
CA LEU A 239 10.64 -15.39 3.56
C LEU A 239 11.99 -14.74 3.28
N PHE A 240 12.28 -14.50 2.01
CA PHE A 240 13.48 -13.79 1.60
C PHE A 240 13.08 -12.53 0.87
N LEU A 241 13.68 -11.41 1.27
CA LEU A 241 13.43 -10.11 0.67
C LEU A 241 14.73 -9.59 0.03
N LEU A 242 14.63 -9.21 -1.24
CA LEU A 242 15.76 -8.67 -1.99
C LEU A 242 15.40 -7.24 -2.41
N ALA A 243 16.04 -6.24 -1.77
CA ALA A 243 15.70 -4.86 -2.01
C ALA A 243 16.94 -4.01 -2.36
N ALA A 244 16.78 -3.16 -3.37
CA ALA A 244 17.77 -2.15 -3.74
C ALA A 244 17.16 -0.75 -3.64
N GLY A 245 17.81 0.12 -2.87
CA GLY A 245 17.43 1.54 -2.87
C GLY A 245 16.01 1.69 -2.34
N THR A 246 15.19 2.48 -3.05
CA THR A 246 13.80 2.64 -2.65
C THR A 246 12.98 1.38 -2.88
N GLY A 247 13.55 0.33 -3.50
CA GLY A 247 12.82 -0.90 -3.56
C GLY A 247 12.58 -1.55 -2.23
N PHE A 248 13.11 -0.94 -1.18
CA PHE A 248 12.81 -1.31 0.19
C PHE A 248 11.32 -1.04 0.53
N THR A 249 10.68 -0.08 -0.13
CA THR A 249 9.38 0.38 0.37
C THR A 249 8.31 -0.72 0.39
N PRO A 250 8.07 -1.51 -0.66
CA PRO A 250 7.11 -2.63 -0.51
C PRO A 250 7.52 -3.65 0.53
N MET A 251 8.80 -3.79 0.84
CA MET A 251 9.17 -4.71 1.91
C MET A 251 8.70 -4.26 3.29
N VAL A 252 8.42 -2.97 3.49
CA VAL A 252 8.16 -2.49 4.85
C VAL A 252 6.93 -3.18 5.42
N LYS A 253 5.80 -3.07 4.71
CA LYS A 253 4.57 -3.67 5.19
C LYS A 253 4.63 -5.20 5.14
N ILE A 254 5.35 -5.75 4.16
CA ILE A 254 5.53 -7.20 4.10
C ILE A 254 6.32 -7.68 5.30
N LEU A 255 7.35 -6.95 5.69
CA LEU A 255 8.12 -7.32 6.85
C LEU A 255 7.31 -7.24 8.14
N ASN A 256 6.54 -6.17 8.31
CA ASN A 256 5.68 -6.09 9.49
C ASN A 256 4.70 -7.25 9.53
N TYR A 257 4.07 -7.56 8.39
CA TYR A 257 3.13 -8.67 8.33
C TYR A 257 3.82 -9.99 8.62
N ALA A 258 5.00 -10.21 8.04
CA ALA A 258 5.71 -11.48 8.25
C ALA A 258 5.90 -11.77 9.72
N LEU A 259 6.21 -10.75 10.51
CA LEU A 259 6.53 -10.96 11.90
C LEU A 259 5.30 -10.94 12.81
N THR A 260 4.14 -10.57 12.30
CA THR A 260 2.98 -10.45 13.18
C THR A 260 1.83 -11.37 12.79
N ASP A 261 1.63 -11.67 11.52
CA ASP A 261 0.45 -12.36 11.07
C ASP A 261 0.74 -13.70 10.37
N ILE A 262 1.97 -14.20 10.46
CA ILE A 262 2.29 -15.53 9.92
C ILE A 262 2.83 -16.44 11.03
N PRO A 263 1.96 -17.13 11.77
CA PRO A 263 2.45 -17.92 12.92
C PRO A 263 3.31 -19.12 12.53
N SER A 264 3.33 -19.54 11.26
CA SER A 264 4.23 -20.60 10.77
C SER A 264 5.60 -20.09 10.37
N LEU A 265 5.81 -18.77 10.36
CA LEU A 265 7.06 -18.22 9.87
C LEU A 265 8.22 -18.61 10.79
N ARG A 266 9.22 -19.25 10.19
CA ARG A 266 10.50 -19.55 10.83
C ARG A 266 11.50 -18.41 10.66
N LYS A 267 11.69 -17.92 9.44
CA LYS A 267 12.75 -16.96 9.12
C LYS A 267 12.28 -15.96 8.09
N VAL A 268 12.63 -14.68 8.31
CA VAL A 268 12.69 -13.64 7.29
C VAL A 268 14.13 -13.23 7.15
N LYS A 269 14.59 -13.08 5.92
CA LYS A 269 15.93 -12.58 5.68
C LYS A 269 15.83 -11.46 4.63
N LEU A 270 16.39 -10.30 4.95
CA LEU A 270 16.46 -9.17 4.02
C LEU A 270 17.91 -8.94 3.58
N MET A 271 18.12 -8.84 2.28
CA MET A 271 19.40 -8.39 1.73
C MET A 271 19.12 -7.09 1.01
N PHE A 272 19.67 -6.00 1.56
CA PHE A 272 19.30 -4.63 1.22
C PHE A 272 20.52 -3.98 0.54
N PHE A 273 20.41 -3.74 -0.78
CA PHE A 273 21.51 -3.22 -1.57
C PHE A 273 21.45 -1.70 -1.65
N ASN A 274 22.55 -1.03 -1.31
CA ASN A 274 22.63 0.42 -1.47
C ASN A 274 24.01 0.81 -1.95
N LYS A 275 24.17 2.10 -2.25
CA LYS A 275 25.44 2.64 -2.74
C LYS A 275 26.41 2.91 -1.58
N THR A 276 26.01 3.77 -0.64
CA THR A 276 26.88 4.15 0.46
C THR A 276 26.16 3.90 1.77
N GLU A 277 26.92 3.96 2.87
CA GLU A 277 26.32 3.79 4.18
C GLU A 277 25.24 4.84 4.44
N ASP A 278 25.43 6.04 3.90
CA ASP A 278 24.49 7.13 4.09
C ASP A 278 23.18 6.88 3.38
N ASP A 279 23.11 5.88 2.50
CA ASP A 279 21.90 5.54 1.73
C ASP A 279 21.07 4.41 2.35
N ILE A 280 21.49 3.82 3.45
CA ILE A 280 20.75 2.70 4.05
C ILE A 280 19.51 3.21 4.77
N ILE A 281 18.38 3.23 4.08
CA ILE A 281 17.14 3.70 4.69
C ILE A 281 16.82 2.88 5.93
N TRP A 282 16.54 3.58 7.04
CA TRP A 282 16.08 2.96 8.26
C TRP A 282 17.06 1.92 8.79
N ARG A 283 18.35 2.19 8.62
CA ARG A 283 19.35 1.23 9.04
C ARG A 283 19.22 0.92 10.51
N SER A 284 19.12 1.95 11.33
CA SER A 284 19.07 1.75 12.76
C SER A 284 17.83 0.98 13.19
N GLN A 285 16.68 1.22 12.52
CA GLN A 285 15.45 0.49 12.85
C GLN A 285 15.58 -0.96 12.51
N LEU A 286 16.17 -1.25 11.34
CA LEU A 286 16.34 -2.63 10.89
C LEU A 286 17.28 -3.40 11.83
N GLU A 287 18.30 -2.72 12.34
CA GLU A 287 19.28 -3.38 13.19
C GLU A 287 18.67 -3.74 14.54
N LYS A 288 17.91 -2.81 15.12
CA LYS A 288 17.25 -3.05 16.40
C LYS A 288 16.14 -4.09 16.28
N LEU A 289 15.39 -4.05 15.18
CA LEU A 289 14.36 -5.06 14.96
C LEU A 289 14.99 -6.44 14.89
N ALA A 290 16.08 -6.59 14.12
CA ALA A 290 16.69 -7.90 13.99
C ALA A 290 17.22 -8.41 15.31
N PHE A 291 17.77 -7.52 16.14
CA PHE A 291 18.35 -7.98 17.41
C PHE A 291 17.28 -8.43 18.38
N LYS A 292 16.15 -7.75 18.42
CA LYS A 292 15.06 -8.11 19.31
C LYS A 292 14.16 -9.22 18.76
N ASP A 293 14.53 -9.86 17.64
CA ASP A 293 13.66 -10.87 17.02
C ASP A 293 14.55 -11.78 16.17
N LYS A 294 14.95 -12.91 16.72
CA LYS A 294 15.85 -13.83 16.02
C LYS A 294 15.26 -14.42 14.74
N ARG A 295 13.96 -14.22 14.46
CA ARG A 295 13.42 -14.69 13.19
C ARG A 295 13.92 -13.87 12.01
N LEU A 296 14.31 -12.63 12.24
CA LEU A 296 14.73 -11.73 11.16
C LEU A 296 16.25 -11.70 11.05
N ASP A 297 16.77 -11.90 9.84
CA ASP A 297 18.17 -11.62 9.52
C ASP A 297 18.22 -10.48 8.52
N VAL A 298 19.14 -9.55 8.73
CA VAL A 298 19.32 -8.43 7.81
C VAL A 298 20.79 -8.31 7.44
N GLU A 299 21.07 -8.28 6.13
CA GLU A 299 22.42 -8.04 5.61
C GLU A 299 22.41 -6.84 4.65
N PHE A 300 23.35 -5.92 4.85
CA PHE A 300 23.52 -4.75 3.98
C PHE A 300 24.67 -4.97 3.00
N VAL A 301 24.43 -4.71 1.71
CA VAL A 301 25.42 -4.77 0.65
C VAL A 301 25.58 -3.36 0.07
N LEU A 302 26.82 -2.83 0.10
CA LEU A 302 27.13 -1.50 -0.42
C LEU A 302 27.93 -1.61 -1.72
N SER A 303 27.43 -0.98 -2.78
CA SER A 303 28.06 -1.07 -4.09
C SER A 303 29.21 -0.09 -4.26
N ALA A 304 29.28 0.95 -3.43
CA ALA A 304 30.25 2.03 -3.62
C ALA A 304 30.59 2.73 -2.31
N PRO A 305 30.98 2.00 -1.27
CA PRO A 305 31.16 2.63 0.04
C PRO A 305 32.14 3.79 0.00
N ILE A 306 31.93 4.71 0.95
CA ILE A 306 32.73 5.91 1.16
C ILE A 306 33.77 5.60 2.22
N SER A 307 33.30 5.20 3.40
CA SER A 307 34.14 4.93 4.54
C SER A 307 34.58 3.48 4.52
N GLU A 308 35.45 3.13 5.48
CA GLU A 308 35.82 1.74 5.67
C GLU A 308 34.55 0.93 5.92
N TRP A 309 34.48 -0.24 5.30
CA TRP A 309 33.29 -1.08 5.34
C TRP A 309 33.73 -2.53 5.51
N ASN A 310 33.60 -3.05 6.73
CA ASN A 310 33.80 -4.49 6.94
C ASN A 310 32.52 -5.28 6.68
N GLY A 311 31.79 -4.96 5.60
CA GLY A 311 30.59 -5.69 5.24
C GLY A 311 30.65 -6.10 3.78
N LYS A 312 29.56 -6.71 3.33
CA LYS A 312 29.53 -7.19 1.95
C LYS A 312 29.48 -6.02 0.97
N GLN A 313 30.04 -6.27 -0.22
CA GLN A 313 30.17 -5.25 -1.25
C GLN A 313 29.70 -5.80 -2.57
N GLY A 314 29.22 -4.91 -3.42
CA GLY A 314 28.96 -5.22 -4.81
C GLY A 314 27.52 -4.98 -5.18
N HIS A 315 27.18 -5.50 -6.36
CA HIS A 315 25.82 -5.56 -6.85
C HIS A 315 25.29 -6.98 -6.72
N ILE A 316 23.99 -7.14 -6.99
CA ILE A 316 23.40 -8.47 -7.03
C ILE A 316 24.20 -9.35 -7.96
N SER A 317 24.54 -10.56 -7.52
CA SER A 317 25.33 -11.48 -8.32
C SER A 317 24.87 -12.93 -8.16
N PRO A 318 25.42 -13.85 -8.97
CA PRO A 318 25.18 -15.29 -8.73
C PRO A 318 25.85 -15.80 -7.47
N ALA A 319 27.02 -15.29 -7.12
CA ALA A 319 27.64 -15.70 -5.87
C ALA A 319 26.76 -15.30 -4.70
N LEU A 320 26.24 -14.07 -4.73
CA LEU A 320 25.62 -13.52 -3.54
C LEU A 320 24.37 -14.30 -3.15
N LEU A 321 23.50 -14.59 -4.12
CA LEU A 321 22.26 -15.29 -3.81
C LEU A 321 22.44 -16.79 -3.63
N SER A 322 23.56 -17.37 -4.07
CA SER A 322 23.85 -18.76 -3.77
C SER A 322 24.01 -18.97 -2.27
N GLU A 323 24.76 -18.08 -1.62
CA GLU A 323 24.91 -18.20 -0.17
C GLU A 323 23.63 -17.76 0.56
N PHE A 324 23.00 -16.67 0.11
CA PHE A 324 21.89 -16.09 0.86
C PHE A 324 20.66 -17.00 0.82
N LEU A 325 20.35 -17.52 -0.37
CA LEU A 325 19.31 -18.52 -0.57
C LEU A 325 19.85 -19.94 -0.55
N LYS A 326 20.90 -20.22 0.20
CA LYS A 326 21.42 -21.58 0.27
C LYS A 326 20.31 -22.50 0.76
N ARG A 327 20.15 -23.65 0.08
CA ARG A 327 19.06 -24.56 0.39
C ARG A 327 19.19 -25.13 1.80
N ASN A 328 18.11 -25.03 2.57
CA ASN A 328 18.03 -25.65 3.88
C ASN A 328 17.99 -27.17 3.76
N LEU A 329 18.29 -27.85 4.87
CA LEU A 329 18.24 -29.31 4.87
C LEU A 329 16.79 -29.82 4.77
N ASP A 330 15.85 -29.09 5.34
CA ASP A 330 14.44 -29.47 5.38
C ASP A 330 13.65 -28.64 4.38
N LYS A 331 12.61 -29.24 3.85
CA LYS A 331 11.76 -28.61 2.86
C LYS A 331 10.76 -27.67 3.54
N SER A 332 10.56 -26.49 2.96
CA SER A 332 9.65 -25.52 3.56
C SER A 332 8.96 -24.71 2.47
N LYS A 333 7.83 -24.13 2.85
CA LYS A 333 7.09 -23.19 2.01
C LYS A 333 7.85 -21.86 1.95
N VAL A 334 8.15 -21.38 0.76
CA VAL A 334 9.16 -20.33 0.56
C VAL A 334 8.61 -19.26 -0.37
N LEU A 335 8.97 -18.01 -0.08
CA LEU A 335 8.66 -16.89 -0.95
C LEU A 335 9.84 -15.96 -1.04
N VAL A 336 10.11 -15.47 -2.24
CA VAL A 336 11.18 -14.50 -2.50
C VAL A 336 10.54 -13.28 -3.15
N CYS A 337 10.68 -12.13 -2.51
CA CYS A 337 10.24 -10.86 -3.07
C CYS A 337 11.46 -10.02 -3.45
N ILE A 338 11.40 -9.39 -4.62
CA ILE A 338 12.50 -8.57 -5.11
C ILE A 338 11.95 -7.25 -5.64
N CYS A 339 12.62 -6.16 -5.31
CA CYS A 339 12.25 -4.87 -5.85
C CYS A 339 13.47 -3.97 -5.89
N GLY A 340 13.59 -3.22 -6.98
CA GLY A 340 14.68 -2.27 -7.15
C GLY A 340 14.67 -1.68 -8.55
N PRO A 341 15.80 -1.12 -8.97
CA PRO A 341 15.93 -0.70 -10.38
C PRO A 341 15.69 -1.87 -11.32
N VAL A 342 15.11 -1.56 -12.49
CA VAL A 342 14.80 -2.60 -13.48
C VAL A 342 15.97 -3.56 -13.67
N PRO A 343 17.19 -3.11 -13.93
CA PRO A 343 18.32 -4.05 -14.03
C PRO A 343 18.44 -5.00 -12.86
N PHE A 344 18.35 -4.45 -11.63
CA PHE A 344 18.45 -5.25 -10.42
C PHE A 344 17.38 -6.34 -10.40
N THR A 345 16.16 -6.00 -10.77
CA THR A 345 15.07 -6.97 -10.72
C THR A 345 15.16 -7.97 -11.86
N GLU A 346 15.50 -7.50 -13.07
CA GLU A 346 15.63 -8.42 -14.21
C GLU A 346 16.76 -9.40 -13.96
N GLN A 347 17.92 -8.91 -13.53
CA GLN A 347 19.04 -9.79 -13.23
C GLN A 347 18.73 -10.71 -12.06
N GLY A 348 17.98 -10.20 -11.07
CA GLY A 348 17.67 -11.02 -9.90
C GLY A 348 16.76 -12.19 -10.22
N VAL A 349 15.70 -11.94 -10.99
CA VAL A 349 14.74 -12.99 -11.31
C VAL A 349 15.36 -14.03 -12.24
N ARG A 350 16.20 -13.59 -13.19
CA ARG A 350 16.94 -14.54 -14.01
C ARG A 350 17.73 -15.48 -13.10
N LEU A 351 18.44 -14.91 -12.13
CA LEU A 351 19.23 -15.70 -11.21
C LEU A 351 18.37 -16.61 -10.35
N LEU A 352 17.16 -16.16 -9.98
CA LEU A 352 16.33 -16.99 -9.12
C LEU A 352 15.81 -18.20 -9.88
N HIS A 353 15.51 -18.03 -11.18
CA HIS A 353 15.14 -19.20 -11.97
C HIS A 353 16.30 -20.15 -12.13
N ASP A 354 17.53 -19.62 -12.21
CA ASP A 354 18.70 -20.48 -12.29
C ASP A 354 18.99 -21.20 -10.99
N LEU A 355 18.42 -20.75 -9.87
CA LEU A 355 18.59 -21.44 -8.61
C LEU A 355 17.44 -22.39 -8.31
N ASN A 356 16.51 -22.55 -9.25
CA ASN A 356 15.42 -23.52 -9.13
C ASN A 356 14.34 -23.03 -8.15
N PHE A 357 13.93 -21.77 -8.31
CA PHE A 357 12.77 -21.22 -7.62
C PHE A 357 11.65 -21.07 -8.64
N SER A 358 10.45 -21.49 -8.29
CA SER A 358 9.34 -21.45 -9.25
C SER A 358 8.77 -20.05 -9.39
N LYS A 359 8.01 -19.86 -10.47
CA LYS A 359 7.25 -18.61 -10.64
C LYS A 359 6.35 -18.37 -9.44
N ASN A 360 5.61 -19.39 -9.01
CA ASN A 360 4.78 -19.25 -7.81
C ASN A 360 5.63 -19.09 -6.49
N GLU A 361 6.96 -18.99 -6.54
CA GLU A 361 7.79 -18.73 -5.37
C GLU A 361 8.49 -17.38 -5.43
N ILE A 362 8.18 -16.56 -6.43
CA ILE A 362 8.84 -15.28 -6.64
C ILE A 362 7.78 -14.23 -6.90
N HIS A 363 7.86 -13.10 -6.20
CA HIS A 363 7.12 -11.92 -6.61
C HIS A 363 8.11 -10.79 -6.83
N SER A 364 8.04 -10.15 -7.98
CA SER A 364 8.89 -9.02 -8.28
C SER A 364 7.98 -7.81 -8.47
N PHE A 365 8.25 -6.75 -7.71
CA PHE A 365 7.47 -5.54 -7.76
C PHE A 365 8.05 -4.63 -8.83
N THR A 366 7.21 -4.24 -9.78
CA THR A 366 7.70 -3.56 -10.97
C THR A 366 6.55 -2.96 -11.79
#